data_5WQ2
#
_entry.id   5WQ2
#
_cell.length_a   36.209
_cell.length_b   64.781
_cell.length_c   38.323
_cell.angle_alpha   90.00
_cell.angle_beta   113.06
_cell.angle_gamma   90.00
#
_symmetry.space_group_name_H-M   'P 1 21 1'
#
loop_
_entity.id
_entity.type
_entity.pdbx_description
1 polymer '3C protein'
2 non-polymer '4-{2-(4-FLUORO-BENZYL)-6-METHYL-5-[(5-METHYL-ISOXAZOLE-3-CARBONYL)-AMINO]-4-OXO-HEPTANOYLAMINO}-5-(2-OXO-PYRROLIDIN-3-YL)-PENTANOIC ACID ETHYL ESTER'
3 non-polymer 'SULFATE ION'
4 water water
#
_entity_poly.entity_id   1
_entity_poly.type   'polypeptide(L)'
_entity_poly.pdbx_seq_one_letter_code
;MGPSLDFALSLLRRNIRQVQTDQGHFTMLGIRDRLAVLPRHSQPGKTIWIEHKLVNVLDAVELVDEQGVDLELTLITLDT
NEKFRDITKFIPENISTASDATLVINTEHMPSMFVPVGDVVQYGFLNLSGKPTHRTMMYNFPTKAGQCGGVVTSVGKIIG
IHIGGNGRQGFCAGLKRSYFAS
;
_entity_poly.pdbx_strand_id   A
#
loop_
_chem_comp.id
_chem_comp.type
_chem_comp.name
_chem_comp.formula
AG7 non-polymer '4-{2-(4-FLUORO-BENZYL)-6-METHYL-5-[(5-METHYL-ISOXAZOLE-3-CARBONYL)-AMINO]-4-OXO-HEPTANOYLAMINO}-5-(2-OXO-PYRROLIDIN-3-YL)-PENTANOIC ACID ETHYL ESTER' 'C31 H41 F N4 O7'
SO4 non-polymer 'SULFATE ION' 'O4 S -2'
#
# COMPACT_ATOMS: atom_id res chain seq x y z
N MET A 1 -16.71 2.80 -6.32
CA MET A 1 -17.82 1.87 -6.23
C MET A 1 -17.54 0.59 -7.02
N GLY A 2 -18.55 0.12 -7.76
CA GLY A 2 -18.46 -1.08 -8.57
C GLY A 2 -17.20 -1.24 -9.41
N PRO A 3 -16.86 -0.20 -10.19
CA PRO A 3 -15.70 -0.33 -11.08
C PRO A 3 -14.37 -0.40 -10.34
N SER A 4 -14.16 0.46 -9.34
CA SER A 4 -12.92 0.32 -8.57
C SER A 4 -12.91 -1.00 -7.80
N LEU A 5 -14.09 -1.45 -7.34
CA LEU A 5 -14.18 -2.72 -6.62
C LEU A 5 -13.72 -3.90 -7.47
N ASP A 6 -14.21 -3.99 -8.71
CA ASP A 6 -13.87 -5.15 -9.52
C ASP A 6 -12.40 -5.11 -9.95
N PHE A 7 -11.89 -3.92 -10.27
CA PHE A 7 -10.46 -3.80 -10.54
C PHE A 7 -9.65 -4.17 -9.31
N ALA A 8 -10.07 -3.70 -8.14
CA ALA A 8 -9.39 -4.05 -6.91
C ALA A 8 -9.38 -5.56 -6.71
N LEU A 9 -10.51 -6.22 -6.97
CA LEU A 9 -10.57 -7.68 -6.83
C LEU A 9 -9.60 -8.37 -7.77
N SER A 10 -9.40 -7.84 -8.98
CA SER A 10 -8.48 -8.45 -9.93
C SER A 10 -7.03 -8.38 -9.46
N LEU A 11 -6.70 -7.49 -8.51
CA LEU A 11 -5.34 -7.40 -7.99
C LEU A 11 -5.09 -8.36 -6.85
N LEU A 12 -6.13 -8.85 -6.20
CA LEU A 12 -6.00 -9.46 -4.88
C LEU A 12 -5.17 -10.72 -4.93
N ARG A 13 -5.61 -11.73 -5.70
CA ARG A 13 -4.95 -13.04 -5.64
C ARG A 13 -3.49 -12.95 -6.05
N ARG A 14 -3.22 -12.23 -7.14
CA ARG A 14 -1.88 -12.23 -7.71
C ARG A 14 -0.93 -11.22 -7.05
N ASN A 15 -1.45 -10.16 -6.40
CA ASN A 15 -0.58 -9.05 -6.00
C ASN A 15 -0.77 -8.49 -4.60
N ILE A 16 -1.74 -8.94 -3.81
CA ILE A 16 -2.01 -8.30 -2.52
C ILE A 16 -1.95 -9.36 -1.44
N ARG A 17 -0.87 -9.34 -0.65
CA ARG A 17 -0.50 -10.44 0.24
C ARG A 17 -0.73 -10.07 1.70
N GLN A 18 -1.13 -11.06 2.49
CA GLN A 18 -1.12 -10.95 3.94
C GLN A 18 0.31 -11.11 4.44
N VAL A 19 0.75 -10.21 5.32
CA VAL A 19 2.08 -10.31 5.89
C VAL A 19 2.06 -10.06 7.40
N GLN A 20 3.10 -10.53 8.07
CA GLN A 20 3.30 -10.23 9.49
C GLN A 20 4.79 -9.97 9.74
N THR A 21 5.09 -8.87 10.42
CA THR A 21 6.40 -8.57 10.99
C THR A 21 6.27 -8.54 12.52
N ASP A 22 7.41 -8.28 13.19
CA ASP A 22 7.36 -8.10 14.64
C ASP A 22 6.38 -7.01 15.04
N GLN A 23 6.12 -6.06 14.14
CA GLN A 23 5.23 -4.94 14.42
C GLN A 23 3.76 -5.29 14.29
N GLY A 24 3.42 -6.39 13.64
CA GLY A 24 2.04 -6.79 13.53
C GLY A 24 1.69 -7.19 12.11
N HIS A 25 0.40 -7.06 11.79
CA HIS A 25 -0.16 -7.56 10.54
C HIS A 25 -0.31 -6.40 9.57
N PHE A 26 0.05 -6.66 8.31
CA PHE A 26 0.01 -5.64 7.27
C PHE A 26 -0.44 -6.26 5.96
N THR A 27 -0.94 -5.41 5.09
CA THR A 27 -1.21 -5.75 3.70
C THR A 27 0.02 -5.36 2.89
N MET A 28 0.40 -6.19 1.91
CA MET A 28 1.59 -5.91 1.11
C MET A 28 1.26 -6.01 -0.38
N LEU A 29 1.59 -4.95 -1.13
CA LEU A 29 1.39 -4.95 -2.58
C LEU A 29 2.68 -5.44 -3.26
N GLY A 30 2.60 -6.57 -3.96
CA GLY A 30 3.69 -6.99 -4.83
C GLY A 30 3.56 -6.28 -6.16
N ILE A 31 4.65 -5.72 -6.64
CA ILE A 31 4.63 -4.85 -7.80
C ILE A 31 5.13 -5.49 -9.08
N ARG A 32 6.24 -6.21 -8.98
CA ARG A 32 6.85 -6.87 -10.12
C ARG A 32 8.01 -7.68 -9.55
N ASP A 33 8.51 -8.62 -10.36
CA ASP A 33 9.71 -9.38 -10.01
C ASP A 33 9.55 -9.91 -8.58
N ARG A 34 10.50 -9.67 -7.69
CA ARG A 34 10.35 -10.03 -6.28
C ARG A 34 10.25 -8.78 -5.42
N LEU A 35 9.67 -7.72 -5.98
CA LEU A 35 9.63 -6.41 -5.36
C LEU A 35 8.23 -6.09 -4.87
N ALA A 36 8.13 -5.67 -3.61
CA ALA A 36 6.85 -5.35 -3.00
C ALA A 36 7.00 -4.07 -2.19
N VAL A 37 5.89 -3.52 -1.71
CA VAL A 37 5.96 -2.30 -0.92
C VAL A 37 5.17 -2.50 0.38
N LEU A 38 5.74 -2.02 1.48
CA LEU A 38 5.17 -2.09 2.81
C LEU A 38 5.21 -0.71 3.43
N PRO A 39 4.38 -0.45 4.43
CA PRO A 39 4.58 0.77 5.24
C PRO A 39 5.89 0.68 6.00
N ARG A 40 6.61 1.81 6.07
CA ARG A 40 7.81 1.90 6.90
C ARG A 40 7.54 1.39 8.30
N HIS A 41 6.36 1.70 8.84
CA HIS A 41 5.98 1.34 10.19
C HIS A 41 5.98 -0.16 10.45
N SER A 42 5.96 -0.99 9.41
CA SER A 42 6.01 -2.44 9.60
C SER A 42 7.39 -2.93 9.99
N GLN A 43 8.43 -2.14 9.72
CA GLN A 43 9.81 -2.46 10.07
C GLN A 43 10.21 -3.91 9.74
N PRO A 44 10.20 -4.28 8.46
CA PRO A 44 10.54 -5.66 8.09
C PRO A 44 11.99 -5.99 8.44
N GLY A 45 12.20 -7.20 8.92
CA GLY A 45 13.52 -7.70 9.30
C GLY A 45 14.11 -8.61 8.26
N LYS A 46 14.84 -9.63 8.73
CA LYS A 46 15.53 -10.57 7.84
C LYS A 46 14.60 -11.63 7.28
N THR A 47 13.51 -11.93 7.97
CA THR A 47 12.46 -12.80 7.47
C THR A 47 11.14 -12.10 7.70
N ILE A 48 10.13 -12.49 6.92
CA ILE A 48 8.80 -11.92 7.04
C ILE A 48 7.80 -13.03 6.75
N TRP A 49 6.69 -13.03 7.47
CA TRP A 49 5.62 -13.97 7.15
C TRP A 49 4.81 -13.44 5.98
N ILE A 50 4.61 -14.28 4.98
CA ILE A 50 3.79 -13.99 3.82
C ILE A 50 2.81 -15.13 3.71
N GLU A 51 1.53 -14.86 3.89
CA GLU A 51 0.52 -15.91 3.98
C GLU A 51 0.99 -16.87 5.06
N HIS A 52 1.10 -18.17 4.78
CA HIS A 52 1.49 -19.14 5.79
C HIS A 52 2.98 -19.43 5.83
N LYS A 53 3.81 -18.70 5.08
CA LYS A 53 5.21 -19.06 4.92
C LYS A 53 6.13 -17.98 5.48
N LEU A 54 7.18 -18.41 6.17
CA LEU A 54 8.25 -17.51 6.61
C LEU A 54 9.28 -17.39 5.49
N VAL A 55 9.41 -16.18 4.94
CA VAL A 55 10.17 -15.94 3.73
C VAL A 55 11.35 -15.05 4.04
N ASN A 56 12.52 -15.39 3.49
CA ASN A 56 13.68 -14.57 3.72
C ASN A 56 13.56 -13.27 2.93
N VAL A 57 14.08 -12.20 3.50
CA VAL A 57 14.04 -10.86 2.90
C VAL A 57 15.40 -10.59 2.25
N LEU A 58 15.38 -10.20 0.98
CA LEU A 58 16.64 -9.89 0.30
C LEU A 58 17.16 -8.54 0.75
N ASP A 59 16.28 -7.54 0.77
CA ASP A 59 16.62 -6.19 1.19
C ASP A 59 15.33 -5.44 1.47
N ALA A 60 15.47 -4.34 2.21
CA ALA A 60 14.38 -3.40 2.43
C ALA A 60 14.96 -1.99 2.35
N VAL A 61 14.47 -1.20 1.41
CA VAL A 61 15.05 0.11 1.10
C VAL A 61 13.94 1.15 1.23
N GLU A 62 14.14 2.13 2.11
CA GLU A 62 13.10 3.13 2.30
C GLU A 62 12.84 3.90 1.02
N LEU A 63 11.56 4.11 0.72
CA LEU A 63 11.18 4.83 -0.48
C LEU A 63 11.24 6.33 -0.19
N VAL A 64 12.13 7.02 -0.88
CA VAL A 64 12.33 8.46 -0.75
C VAL A 64 12.11 9.04 -2.13
N ASP A 65 11.29 10.08 -2.23
CA ASP A 65 10.97 10.59 -3.56
C ASP A 65 12.12 11.44 -4.13
N GLU A 66 11.90 11.94 -5.35
CA GLU A 66 12.90 12.72 -6.07
C GLU A 66 13.13 14.09 -5.44
N GLN A 67 12.29 14.51 -4.50
CA GLN A 67 12.52 15.73 -3.73
C GLN A 67 13.17 15.45 -2.39
N GLY A 68 13.67 14.23 -2.17
CA GLY A 68 14.37 13.89 -0.94
C GLY A 68 13.48 13.69 0.26
N VAL A 69 12.19 13.38 0.06
CA VAL A 69 11.24 13.23 1.16
C VAL A 69 10.92 11.75 1.38
N ASP A 70 11.08 11.29 2.60
CA ASP A 70 10.66 9.95 3.00
C ASP A 70 9.15 9.82 2.83
N LEU A 71 8.72 8.81 2.09
CA LEU A 71 7.30 8.59 1.88
C LEU A 71 6.68 7.64 2.89
N GLU A 72 7.47 7.14 3.84
CA GLU A 72 6.98 6.27 4.90
C GLU A 72 6.52 4.92 4.36
N LEU A 73 7.10 4.54 3.22
CA LEU A 73 6.96 3.21 2.64
C LEU A 73 8.36 2.66 2.45
N THR A 74 8.46 1.34 2.42
N THR A 74 8.49 1.36 2.50
CA THR A 74 9.71 0.60 2.28
CA THR A 74 9.76 0.72 2.20
C THR A 74 9.55 -0.37 1.12
C THR A 74 9.53 -0.28 1.08
N LEU A 75 10.52 -0.37 0.20
CA LEU A 75 10.52 -1.30 -0.92
C LEU A 75 11.27 -2.54 -0.48
N ILE A 76 10.59 -3.68 -0.46
CA ILE A 76 11.15 -4.92 0.06
C ILE A 76 11.30 -5.90 -1.09
N THR A 77 12.44 -6.58 -1.14
CA THR A 77 12.64 -7.64 -2.12
C THR A 77 12.76 -8.96 -1.38
N LEU A 78 12.24 -10.01 -2.00
CA LEU A 78 11.89 -11.22 -1.28
C LEU A 78 12.50 -12.44 -1.93
N ASP A 79 12.87 -13.41 -1.08
CA ASP A 79 13.37 -14.70 -1.53
C ASP A 79 12.19 -15.63 -1.85
N THR A 80 11.31 -15.15 -2.73
CA THR A 80 10.14 -15.92 -3.17
C THR A 80 10.50 -16.78 -4.38
N ASN A 81 9.75 -17.87 -4.55
CA ASN A 81 10.03 -18.77 -5.67
C ASN A 81 9.61 -18.18 -6.99
N GLU A 82 8.53 -17.41 -7.01
CA GLU A 82 7.90 -16.92 -8.22
C GLU A 82 7.91 -15.40 -8.22
N LYS A 83 7.89 -14.82 -9.42
CA LYS A 83 7.79 -13.38 -9.54
C LYS A 83 6.33 -12.95 -9.41
N PHE A 84 6.14 -11.73 -8.92
CA PHE A 84 4.80 -11.15 -8.94
C PHE A 84 4.42 -10.81 -10.38
N ARG A 85 3.14 -10.97 -10.69
CA ARG A 85 2.61 -10.39 -11.92
C ARG A 85 2.93 -8.89 -11.94
N ASP A 86 3.51 -8.41 -13.05
CA ASP A 86 3.97 -7.03 -13.13
C ASP A 86 2.77 -6.08 -13.27
N ILE A 87 2.52 -5.29 -12.22
CA ILE A 87 1.42 -4.33 -12.23
CA ILE A 87 1.42 -4.32 -12.23
C ILE A 87 1.92 -2.88 -12.39
N THR A 88 3.16 -2.71 -12.85
CA THR A 88 3.73 -1.39 -13.10
C THR A 88 2.79 -0.51 -13.91
N LYS A 89 2.16 -1.10 -14.93
CA LYS A 89 1.32 -0.32 -15.83
C LYS A 89 0.05 0.19 -15.15
N PHE A 90 -0.31 -0.35 -14.01
CA PHE A 90 -1.47 0.16 -13.28
C PHE A 90 -1.10 1.21 -12.24
N ILE A 91 0.18 1.48 -12.05
CA ILE A 91 0.61 2.58 -11.18
C ILE A 91 0.73 3.81 -12.07
N PRO A 92 -0.01 4.89 -11.80
CA PRO A 92 -0.07 6.00 -12.76
C PRO A 92 1.25 6.73 -12.84
N GLU A 93 1.49 7.37 -14.00
CA GLU A 93 2.72 8.14 -14.15
C GLU A 93 2.73 9.35 -13.24
N ASN A 94 1.55 9.91 -12.96
CA ASN A 94 1.36 11.04 -12.08
C ASN A 94 0.63 10.57 -10.82
N ILE A 95 1.01 11.13 -9.67
N ILE A 95 0.99 11.15 -9.68
CA ILE A 95 0.20 10.93 -8.47
CA ILE A 95 0.18 10.93 -8.49
C ILE A 95 -1.22 11.37 -8.79
C ILE A 95 -1.24 11.39 -8.76
N SER A 96 -2.20 10.55 -8.39
CA SER A 96 -3.58 10.71 -8.85
C SER A 96 -4.57 10.64 -7.70
N THR A 97 -5.46 11.62 -7.63
CA THR A 97 -6.65 11.50 -6.80
C THR A 97 -7.72 10.73 -7.58
N ALA A 98 -8.84 10.44 -6.92
CA ALA A 98 -9.86 9.66 -7.61
C ALA A 98 -11.16 9.70 -6.85
N SER A 99 -12.26 9.57 -7.59
CA SER A 99 -13.59 9.44 -7.02
C SER A 99 -13.90 7.99 -6.70
N ASP A 100 -14.63 7.78 -5.62
CA ASP A 100 -15.20 6.48 -5.24
C ASP A 100 -14.16 5.37 -5.33
N ALA A 101 -13.08 5.55 -4.57
CA ALA A 101 -12.01 4.58 -4.54
C ALA A 101 -12.35 3.40 -3.64
N THR A 102 -11.58 2.33 -3.82
CA THR A 102 -11.66 1.14 -2.98
C THR A 102 -10.33 0.95 -2.28
N LEU A 103 -10.38 0.70 -0.99
CA LEU A 103 -9.19 0.34 -0.20
C LEU A 103 -9.22 -1.17 0.04
N VAL A 104 -8.19 -1.87 -0.44
CA VAL A 104 -8.10 -3.32 -0.30
C VAL A 104 -7.21 -3.64 0.89
N ILE A 105 -7.75 -4.37 1.87
N ILE A 105 -7.78 -4.34 1.86
CA ILE A 105 -6.98 -4.81 3.03
CA ILE A 105 -7.05 -4.86 3.02
C ILE A 105 -6.97 -6.33 3.04
C ILE A 105 -6.94 -6.37 2.86
N ASN A 106 -5.77 -6.92 3.15
CA ASN A 106 -5.65 -8.38 3.17
C ASN A 106 -4.62 -8.74 4.24
N THR A 107 -5.11 -9.02 5.45
CA THR A 107 -4.27 -9.52 6.53
C THR A 107 -4.95 -10.74 7.14
N GLU A 108 -4.22 -11.45 8.01
CA GLU A 108 -4.80 -12.62 8.66
C GLU A 108 -6.08 -12.26 9.40
N HIS A 109 -6.08 -11.10 10.06
CA HIS A 109 -7.20 -10.62 10.86
C HIS A 109 -8.27 -9.95 10.03
N MET A 110 -7.91 -9.37 8.89
N MET A 110 -7.91 -9.40 8.87
CA MET A 110 -8.85 -8.71 7.99
CA MET A 110 -8.85 -8.71 7.98
C MET A 110 -8.61 -9.24 6.57
C MET A 110 -8.63 -9.24 6.57
N PRO A 111 -9.01 -10.48 6.30
CA PRO A 111 -8.68 -11.09 5.01
C PRO A 111 -9.58 -10.59 3.91
N SER A 112 -8.99 -10.35 2.74
N SER A 112 -8.97 -10.34 2.76
CA SER A 112 -9.69 -10.07 1.48
CA SER A 112 -9.66 -10.06 1.49
C SER A 112 -10.87 -9.11 1.69
C SER A 112 -10.83 -9.09 1.69
N MET A 113 -10.55 -7.94 2.20
N MET A 113 -10.53 -7.94 2.29
CA MET A 113 -11.54 -6.94 2.57
CA MET A 113 -11.54 -6.92 2.54
C MET A 113 -11.48 -5.70 1.65
C MET A 113 -11.46 -5.83 1.48
N PHE A 114 -12.63 -5.32 1.10
CA PHE A 114 -12.75 -4.19 0.19
C PHE A 114 -13.54 -3.10 0.89
N VAL A 115 -12.91 -1.95 1.09
CA VAL A 115 -13.48 -0.87 1.89
C VAL A 115 -13.82 0.26 0.94
N PRO A 116 -15.09 0.63 0.78
CA PRO A 116 -15.43 1.80 -0.05
C PRO A 116 -15.10 3.07 0.71
N VAL A 117 -13.96 3.68 0.40
CA VAL A 117 -13.54 4.86 1.15
C VAL A 117 -14.09 6.16 0.59
N GLY A 118 -14.74 6.13 -0.56
CA GLY A 118 -15.24 7.35 -1.15
C GLY A 118 -14.16 8.10 -1.91
N ASP A 119 -14.35 9.40 -2.01
CA ASP A 119 -13.41 10.22 -2.77
C ASP A 119 -12.07 10.33 -2.05
N VAL A 120 -11.00 10.21 -2.82
CA VAL A 120 -9.63 10.36 -2.34
C VAL A 120 -9.14 11.69 -2.88
N VAL A 121 -8.80 12.61 -1.98
CA VAL A 121 -8.51 13.99 -2.36
C VAL A 121 -7.09 14.34 -1.91
N GLN A 122 -6.52 15.36 -2.55
N GLN A 122 -6.55 15.39 -2.53
CA GLN A 122 -5.15 15.72 -2.22
CA GLN A 122 -5.21 15.84 -2.19
C GLN A 122 -5.09 16.32 -0.82
C GLN A 122 -5.16 16.28 -0.74
N TYR A 123 -4.07 15.94 -0.07
CA TYR A 123 -3.88 16.40 1.30
C TYR A 123 -2.52 17.09 1.39
N GLY A 124 -1.47 16.43 0.92
CA GLY A 124 -0.16 17.04 0.84
C GLY A 124 0.70 16.74 2.05
N PHE A 125 1.14 17.78 2.76
CA PHE A 125 1.96 17.61 3.95
C PHE A 125 1.17 16.85 5.02
N LEU A 126 1.83 15.90 5.66
CA LEU A 126 1.21 15.13 6.73
C LEU A 126 2.24 14.83 7.79
N ASN A 127 1.90 15.12 9.05
CA ASN A 127 2.75 14.80 10.18
C ASN A 127 2.12 13.58 10.84
N LEU A 128 2.69 12.42 10.60
N LEU A 128 2.76 12.43 10.66
CA LEU A 128 2.16 11.16 11.11
CA LEU A 128 2.21 11.15 11.09
C LEU A 128 2.95 10.76 12.34
C LEU A 128 2.97 10.74 12.35
N SER A 129 2.32 10.88 13.51
CA SER A 129 2.95 10.57 14.79
C SER A 129 4.34 11.20 14.90
N GLY A 130 4.43 12.46 14.49
CA GLY A 130 5.69 13.19 14.54
C GLY A 130 6.63 12.98 13.37
N LYS A 131 6.25 12.18 12.37
CA LYS A 131 7.12 11.98 11.22
C LYS A 131 6.51 12.68 10.02
N PRO A 132 7.13 13.73 9.49
CA PRO A 132 6.53 14.47 8.38
C PRO A 132 6.79 13.83 7.04
N THR A 133 5.79 13.91 6.17
CA THR A 133 5.92 13.44 4.79
C THR A 133 5.05 14.35 3.92
N HIS A 134 5.00 14.05 2.62
CA HIS A 134 4.20 14.87 1.74
C HIS A 134 3.63 14.01 0.63
N ARG A 135 2.93 14.64 -0.29
CA ARG A 135 2.28 13.98 -1.41
C ARG A 135 1.22 13.00 -0.96
N THR A 136 0.68 13.19 0.24
CA THR A 136 -0.34 12.28 0.73
C THR A 136 -1.72 12.66 0.24
N MET A 137 -2.62 11.69 0.32
CA MET A 137 -4.01 11.92 -0.03
C MET A 137 -4.88 11.43 1.10
N MET A 138 -6.11 11.91 1.11
CA MET A 138 -7.01 11.71 2.25
C MET A 138 -8.36 11.19 1.76
N TYR A 139 -8.97 10.37 2.60
CA TYR A 139 -10.32 9.92 2.41
C TYR A 139 -11.10 10.02 3.72
N ASN A 140 -12.36 10.45 3.63
CA ASN A 140 -13.20 10.63 4.81
C ASN A 140 -13.86 9.31 5.16
N PHE A 141 -13.03 8.40 5.64
CA PHE A 141 -13.48 7.11 6.10
C PHE A 141 -12.75 6.78 7.39
N PRO A 142 -13.45 6.19 8.38
CA PRO A 142 -12.79 5.87 9.66
C PRO A 142 -11.91 4.62 9.61
N THR A 143 -10.76 4.76 8.97
CA THR A 143 -9.81 3.66 8.88
C THR A 143 -9.26 3.32 10.25
N LYS A 144 -8.70 2.10 10.35
CA LYS A 144 -8.35 1.53 11.64
C LYS A 144 -6.94 0.95 11.62
N ALA A 145 -6.41 0.75 12.82
CA ALA A 145 -5.22 -0.06 13.00
C ALA A 145 -5.41 -1.40 12.31
N GLY A 146 -4.34 -1.89 11.74
CA GLY A 146 -4.40 -3.12 10.98
C GLY A 146 -4.70 -2.94 9.51
N GLN A 147 -5.02 -1.73 9.06
CA GLN A 147 -5.27 -1.46 7.66
C GLN A 147 -4.07 -0.83 6.96
N CYS A 148 -2.95 -0.68 7.66
CA CYS A 148 -1.80 -0.09 7.00
C CYS A 148 -1.20 -1.06 5.99
N GLY A 149 -0.75 -0.49 4.87
CA GLY A 149 -0.36 -1.26 3.71
C GLY A 149 -1.50 -1.50 2.77
N GLY A 150 -2.73 -1.19 3.18
CA GLY A 150 -3.87 -1.38 2.32
C GLY A 150 -3.72 -0.62 1.03
N VAL A 151 -4.29 -1.18 -0.04
CA VAL A 151 -4.05 -0.68 -1.39
C VAL A 151 -5.23 0.17 -1.83
N VAL A 152 -4.98 1.44 -2.12
CA VAL A 152 -6.03 2.35 -2.57
C VAL A 152 -6.09 2.31 -4.09
N THR A 153 -7.28 2.03 -4.64
CA THR A 153 -7.44 1.85 -6.08
C THR A 153 -8.58 2.71 -6.62
N SER A 154 -8.39 3.15 -7.85
CA SER A 154 -9.37 3.84 -8.67
C SER A 154 -9.95 2.84 -9.66
N VAL A 155 -10.66 3.36 -10.67
CA VAL A 155 -11.32 2.49 -11.65
C VAL A 155 -10.32 1.53 -12.29
N GLY A 156 -9.09 1.99 -12.53
CA GLY A 156 -8.09 1.12 -13.11
C GLY A 156 -6.64 1.48 -12.78
N LYS A 157 -6.42 2.10 -11.62
CA LYS A 157 -5.07 2.46 -11.21
C LYS A 157 -4.90 2.17 -9.72
N ILE A 158 -3.65 1.91 -9.33
CA ILE A 158 -3.27 1.76 -7.93
C ILE A 158 -2.68 3.10 -7.54
N ILE A 159 -3.39 3.85 -6.69
CA ILE A 159 -3.04 5.24 -6.46
C ILE A 159 -2.34 5.50 -5.12
N GLY A 160 -2.37 4.56 -4.17
CA GLY A 160 -1.83 4.90 -2.86
C GLY A 160 -1.74 3.68 -1.98
N ILE A 161 -0.99 3.85 -0.89
CA ILE A 161 -0.84 2.83 0.17
C ILE A 161 -1.23 3.46 1.51
N HIS A 162 -2.16 2.83 2.21
CA HIS A 162 -2.68 3.37 3.46
C HIS A 162 -1.61 3.40 4.55
N ILE A 163 -1.42 4.56 5.17
CA ILE A 163 -0.39 4.72 6.19
C ILE A 163 -0.88 5.27 7.51
N GLY A 164 -2.04 5.91 7.61
CA GLY A 164 -2.41 6.48 8.90
C GLY A 164 -3.83 7.03 8.89
N GLY A 165 -4.24 7.51 10.05
CA GLY A 165 -5.57 8.08 10.20
C GLY A 165 -5.75 8.59 11.61
N ASN A 166 -6.85 9.33 11.81
CA ASN A 166 -7.11 10.01 13.07
C ASN A 166 -8.41 9.56 13.73
N GLY A 167 -8.99 8.45 13.28
CA GLY A 167 -10.25 7.94 13.78
C GLY A 167 -11.42 8.23 12.86
N ARG A 168 -11.38 9.34 12.14
CA ARG A 168 -12.45 9.69 11.21
C ARG A 168 -12.00 9.79 9.76
N GLN A 169 -10.70 9.98 9.50
CA GLN A 169 -10.17 10.08 8.15
C GLN A 169 -8.99 9.14 8.03
N GLY A 170 -8.69 8.78 6.78
CA GLY A 170 -7.52 7.97 6.49
C GLY A 170 -6.62 8.65 5.48
N PHE A 171 -5.35 8.27 5.46
CA PHE A 171 -4.35 8.93 4.63
C PHE A 171 -3.50 7.86 3.97
N CYS A 172 -3.19 8.07 2.70
CA CYS A 172 -2.29 7.20 1.96
C CYS A 172 -1.11 7.97 1.42
N ALA A 173 0.02 7.27 1.32
CA ALA A 173 1.13 7.73 0.51
C ALA A 173 0.73 7.59 -0.95
N GLY A 174 0.92 8.63 -1.74
CA GLY A 174 0.60 8.54 -3.15
C GLY A 174 1.64 7.72 -3.90
N LEU A 175 1.20 6.99 -4.93
CA LEU A 175 2.11 6.22 -5.76
C LEU A 175 2.19 6.81 -7.15
N LYS A 176 3.40 6.79 -7.71
CA LYS A 176 3.56 7.01 -9.14
C LYS A 176 4.59 6.02 -9.65
N ARG A 177 4.55 5.80 -10.97
CA ARG A 177 5.29 4.69 -11.56
C ARG A 177 6.79 4.81 -11.33
N SER A 178 7.33 6.03 -11.40
CA SER A 178 8.79 6.19 -11.30
C SER A 178 9.35 5.73 -9.97
N TYR A 179 8.52 5.68 -8.91
CA TYR A 179 9.00 5.19 -7.63
C TYR A 179 9.49 3.75 -7.71
N PHE A 180 9.02 2.98 -8.71
CA PHE A 180 9.34 1.56 -8.80
C PHE A 180 10.30 1.25 -9.93
N ALA A 181 10.89 2.27 -10.56
CA ALA A 181 11.88 2.03 -11.59
C ALA A 181 13.10 1.35 -11.01
N SER A 182 13.68 0.43 -11.77
CA SER A 182 14.82 -0.36 -11.29
C SER A 182 16.03 0.52 -10.95
C01 AG7 B . -1.17 7.26 12.86
C02 AG7 B . 0.22 6.54 13.05
O03 AG7 B . -1.95 6.95 11.99
C04 AG7 B . 0.36 5.34 12.09
C05 AG7 B . 1.76 4.69 12.30
C06 AG7 B . 2.82 5.66 11.60
C07 AG7 B . 3.74 6.35 12.38
C08 AG7 B . 4.65 7.20 11.77
C09 AG7 B . 4.64 7.36 10.37
C10 AG7 B . 3.71 6.69 9.60
C11 AG7 B . 2.78 5.82 10.21
N12 AG7 B . -1.29 3.66 11.20
C13 AG7 B . -2.32 2.68 11.60
C14 AG7 B . -3.59 3.00 10.78
C15 AG7 B . -4.20 4.18 11.58
C16 AG7 B . -5.60 4.62 10.93
N17 AG7 B . -6.38 5.04 11.95
O18 AG7 B . -5.92 4.61 9.78
C19 AG7 B . -2.03 1.21 11.51
C20 AG7 B . -0.56 0.82 11.58
C21 AG7 B . -0.85 0.02 12.81
O22 AG7 B . 0.11 -0.12 13.83
O23 AG7 B . -1.94 -0.48 12.89
C47 AG7 B . -0.69 4.32 12.36
O48 AG7 B . -1.07 3.98 13.44
C50 AG7 B . 0.15 -1.45 14.32
C53 AG7 B . 1.50 -2.00 13.91
C57 AG7 B . -1.54 8.42 13.85
N58 AG7 B . -2.24 9.41 13.10
C59 AG7 B . -1.70 10.73 12.80
O60 AG7 B . -0.63 11.08 13.15
C78 AG7 B . -2.48 7.92 14.99
C81 AG7 B . -1.87 6.69 15.76
F1 AG7 B . 5.54 8.20 9.79
C82 AG7 B . -2.63 9.09 15.99
C83 AG7 B . -5.63 4.91 13.26
C84 AG7 B . -4.46 3.90 12.90
C1 AG7 B . -2.66 11.64 11.97
C2 AG7 B . -2.41 12.90 11.50
C3 AG7 B . -3.52 13.31 10.83
O4 AG7 B . -4.43 12.32 10.89
N5 AG7 B . -3.88 11.28 11.61
C4 AG7 B . -3.72 14.63 10.14
S SO4 C . 16.32 -21.84 3.62
O1 SO4 C . 15.82 -22.95 2.81
O2 SO4 C . 16.82 -22.38 4.90
O3 SO4 C . 17.41 -21.18 2.92
O4 SO4 C . 15.24 -20.90 3.88
S SO4 D . 8.15 4.31 12.07
O1 SO4 D . 8.53 2.91 12.23
O2 SO4 D . 7.98 4.92 13.39
O3 SO4 D . 9.21 5.01 11.34
O4 SO4 D . 6.90 4.39 11.34
#